data_5ZY5
#
_entry.id   5ZY5
#
_cell.length_a   73.420
_cell.length_b   79.792
_cell.length_c   104.519
_cell.angle_alpha   90.00
_cell.angle_beta   90.00
_cell.angle_gamma   90.00
#
_symmetry.space_group_name_H-M   'P 21 21 21'
#
loop_
_entity.id
_entity.type
_entity.pdbx_description
1 polymer 'Probable catechol O-methyltransferase 1'
2 water water
#
_entity_poly.entity_id   1
_entity_poly.type   'polypeptide(L)'
_entity_poly.pdbx_seq_one_letter_code
;HHHHHHHHMPHMEDNGSEKEQLFLQHIQNLPQERLDAIRGHPELVLKEIDEFTYPDGSGVRMCIGDVKGGFIVGKIRERK
PKIMVELGGYLGYSAILFGNEISKIPGGRYYSLEVNEDYAKIAYELVKLAGLDEIVTIMIGKACDSLVELQQKLLHKDLG
FQALDMVFIDHWKDLYVPDLRVIESLNMIAPGTLLVADNIITPGAPEYHKYVNMSPEERRGYQAKVRNVNGFDFIGRWDL
IYKTETKEFEGVIRNKHRKDAVDVTECVGYAKKD
;
_entity_poly.pdbx_strand_id   A,B
#
# COMPACT_ATOMS: atom_id res chain seq x y z
N GLU A 18 16.05 -16.85 -34.70
CA GLU A 18 15.49 -17.59 -35.84
C GLU A 18 14.17 -16.96 -36.23
N LYS A 19 13.11 -17.45 -35.61
CA LYS A 19 11.78 -16.84 -35.67
C LYS A 19 11.89 -15.36 -35.24
N GLU A 20 12.73 -15.09 -34.24
CA GLU A 20 12.95 -13.73 -33.77
C GLU A 20 13.64 -12.85 -34.80
N GLN A 21 14.48 -13.43 -35.65
CA GLN A 21 15.15 -12.66 -36.70
C GLN A 21 14.15 -12.16 -37.76
N LEU A 22 13.11 -12.95 -38.00
CA LEU A 22 12.04 -12.56 -38.91
C LEU A 22 11.36 -11.28 -38.44
N PHE A 23 11.13 -11.18 -37.13
CA PHE A 23 10.49 -10.00 -36.60
C PHE A 23 11.40 -8.79 -36.76
N LEU A 24 12.69 -8.96 -36.51
CA LEU A 24 13.62 -7.83 -36.65
C LEU A 24 13.65 -7.35 -38.10
N GLN A 25 13.74 -8.31 -39.02
CA GLN A 25 13.73 -8.03 -40.46
C GLN A 25 12.49 -7.24 -40.85
N HIS A 26 11.34 -7.63 -40.30
CA HIS A 26 10.10 -6.91 -40.49
C HIS A 26 10.26 -5.45 -40.08
N ILE A 27 10.73 -5.22 -38.86
CA ILE A 27 10.90 -3.86 -38.34
C ILE A 27 11.85 -3.06 -39.23
N GLN A 28 12.98 -3.67 -39.59
CA GLN A 28 13.98 -3.03 -40.44
C GLN A 28 13.48 -2.76 -41.85
N ASN A 29 12.54 -3.57 -42.36
CA ASN A 29 12.05 -3.36 -43.71
C ASN A 29 10.74 -2.57 -43.74
N LEU A 30 10.37 -1.95 -42.62
CA LEU A 30 9.20 -1.06 -42.62
C LEU A 30 9.46 0.15 -43.51
N PRO A 31 8.41 0.67 -44.14
CA PRO A 31 8.60 1.89 -44.94
C PRO A 31 9.13 3.02 -44.07
N GLN A 32 9.95 3.86 -44.67
CA GLN A 32 10.46 5.04 -43.99
C GLN A 32 9.35 5.86 -43.32
N GLU A 33 8.18 5.92 -43.96
CA GLU A 33 7.08 6.72 -43.41
C GLU A 33 6.58 6.10 -42.10
N ARG A 34 6.58 4.76 -42.00
CA ARG A 34 6.11 4.11 -40.77
C ARG A 34 7.14 4.25 -39.64
N LEU A 35 8.42 4.07 -39.98
CA LEU A 35 9.48 4.26 -39.00
C LEU A 35 9.47 5.68 -38.47
N ASP A 36 9.33 6.67 -39.35
CA ASP A 36 9.27 8.07 -38.91
C ASP A 36 8.08 8.35 -38.00
N ALA A 37 6.97 7.68 -38.26
CA ALA A 37 5.75 7.91 -37.50
C ALA A 37 5.83 7.33 -36.07
N ILE A 38 6.60 6.27 -35.89
CA ILE A 38 6.63 5.60 -34.58
C ILE A 38 7.92 5.84 -33.79
N ARG A 39 8.95 6.38 -34.43
CA ARG A 39 10.23 6.59 -33.78
C ARG A 39 10.08 7.54 -32.57
N GLY A 40 10.62 7.14 -31.42
CA GLY A 40 10.57 7.99 -30.24
C GLY A 40 9.21 7.97 -29.57
N HIS A 41 8.30 7.11 -30.07
CA HIS A 41 6.98 6.96 -29.43
C HIS A 41 6.71 5.57 -28.89
N PRO A 42 7.07 5.33 -27.62
CA PRO A 42 6.98 3.99 -27.03
C PRO A 42 5.66 3.21 -27.24
N GLU A 43 4.52 3.86 -27.01
CA GLU A 43 3.23 3.19 -27.22
C GLU A 43 3.06 2.77 -28.68
N LEU A 44 3.55 3.59 -29.60
CA LEU A 44 3.40 3.26 -31.01
C LEU A 44 4.31 2.10 -31.37
N VAL A 45 5.49 2.03 -30.79
CA VAL A 45 6.38 0.92 -31.09
C VAL A 45 5.80 -0.38 -30.53
N LEU A 46 5.24 -0.32 -29.33
CA LEU A 46 4.59 -1.48 -28.74
C LEU A 46 3.46 -1.98 -29.66
N LYS A 47 2.68 -1.06 -30.20
CA LYS A 47 1.64 -1.41 -31.14
C LYS A 47 2.19 -2.16 -32.37
N GLU A 48 3.32 -1.73 -32.94
CA GLU A 48 3.89 -2.48 -34.08
C GLU A 48 4.26 -3.88 -33.66
N ILE A 49 4.82 -4.03 -32.46
CA ILE A 49 5.14 -5.39 -32.00
C ILE A 49 3.86 -6.20 -31.84
N ASP A 50 2.86 -5.65 -31.14
CA ASP A 50 1.58 -6.33 -30.92
C ASP A 50 0.88 -6.77 -32.23
N GLU A 51 0.98 -5.98 -33.29
CA GLU A 51 0.19 -6.26 -34.50
C GLU A 51 0.87 -7.16 -35.53
N PHE A 52 2.17 -7.41 -35.34
CA PHE A 52 2.88 -8.25 -36.28
C PHE A 52 2.40 -9.72 -36.17
N THR A 53 2.31 -10.40 -37.30
CA THR A 53 1.99 -11.82 -37.32
C THR A 53 3.06 -12.54 -38.12
N TYR A 54 3.45 -13.72 -37.65
CA TYR A 54 4.40 -14.57 -38.38
C TYR A 54 3.71 -15.22 -39.58
N PRO A 55 4.47 -15.85 -40.51
CA PRO A 55 3.83 -16.50 -41.68
C PRO A 55 2.77 -17.50 -41.28
N ASP A 56 3.00 -18.21 -40.18
CA ASP A 56 2.08 -19.21 -39.67
C ASP A 56 0.90 -18.62 -38.87
N GLY A 57 0.79 -17.29 -38.86
CA GLY A 57 -0.34 -16.65 -38.20
C GLY A 57 -0.15 -16.29 -36.72
N SER A 58 0.90 -16.80 -36.10
CA SER A 58 1.14 -16.55 -34.68
C SER A 58 1.71 -15.13 -34.44
N GLY A 59 1.64 -14.66 -33.20
CA GLY A 59 2.12 -13.33 -32.84
C GLY A 59 3.51 -13.35 -32.21
N VAL A 60 4.08 -12.18 -31.95
CA VAL A 60 5.32 -12.12 -31.18
C VAL A 60 5.03 -12.60 -29.77
N ARG A 61 5.87 -13.49 -29.25
CA ARG A 61 5.71 -14.00 -27.87
C ARG A 61 6.08 -12.96 -26.81
N MET A 62 5.52 -13.11 -25.60
CA MET A 62 5.85 -12.32 -24.40
C MET A 62 5.52 -10.84 -24.50
N CYS A 63 4.48 -10.52 -25.25
CA CYS A 63 3.92 -9.21 -25.17
C CYS A 63 3.14 -9.15 -23.87
N ILE A 64 3.25 -8.05 -23.16
CA ILE A 64 2.57 -7.90 -21.90
C ILE A 64 1.17 -7.41 -22.19
N GLY A 65 0.19 -8.12 -21.61
CA GLY A 65 -1.20 -7.84 -21.89
C GLY A 65 -1.61 -6.47 -21.40
N ASP A 66 -2.69 -5.97 -21.98
CA ASP A 66 -3.16 -4.65 -21.69
C ASP A 66 -3.41 -4.43 -20.19
N VAL A 67 -4.14 -5.35 -19.59
CA VAL A 67 -4.55 -5.15 -18.19
C VAL A 67 -3.37 -5.34 -17.24
N LYS A 68 -2.61 -6.40 -17.43
CA LYS A 68 -1.48 -6.69 -16.55
C LYS A 68 -0.43 -5.59 -16.65
N GLY A 69 -0.20 -5.13 -17.88
CA GLY A 69 0.73 -4.06 -18.16
C GLY A 69 0.30 -2.82 -17.43
N GLY A 70 -0.97 -2.49 -17.57
CA GLY A 70 -1.54 -1.34 -16.89
C GLY A 70 -1.44 -1.46 -15.37
N PHE A 71 -1.51 -2.68 -14.87
CA PHE A 71 -1.37 -2.89 -13.43
C PHE A 71 0.06 -2.58 -12.99
N ILE A 72 1.05 -3.07 -13.74
CA ILE A 72 2.44 -2.90 -13.35
C ILE A 72 2.84 -1.43 -13.55
N VAL A 73 2.38 -0.82 -14.63
CA VAL A 73 2.59 0.60 -14.86
C VAL A 73 2.01 1.43 -13.71
N GLY A 74 0.80 1.10 -13.27
CA GLY A 74 0.22 1.76 -12.12
C GLY A 74 1.14 1.70 -10.93
N LYS A 75 1.77 0.55 -10.68
CA LYS A 75 2.71 0.44 -9.57
C LYS A 75 3.92 1.36 -9.74
N ILE A 76 4.40 1.50 -10.99
CA ILE A 76 5.58 2.32 -11.25
C ILE A 76 5.24 3.77 -11.00
N ARG A 77 4.07 4.20 -11.48
CA ARG A 77 3.61 5.56 -11.30
C ARG A 77 3.36 5.89 -9.84
N GLU A 78 2.86 4.92 -9.10
CA GLU A 78 2.57 5.15 -7.69
C GLU A 78 3.85 5.21 -6.84
N ARG A 79 4.83 4.37 -7.14
CA ARG A 79 5.98 4.23 -6.24
C ARG A 79 7.22 4.96 -6.76
N LYS A 80 7.20 5.32 -8.04
CA LYS A 80 8.29 6.05 -8.67
C LYS A 80 9.68 5.52 -8.39
N PRO A 81 9.93 4.24 -8.71
CA PRO A 81 11.28 3.70 -8.58
C PRO A 81 12.30 4.46 -9.45
N LYS A 82 13.47 4.78 -8.92
CA LYS A 82 14.55 5.34 -9.72
C LYS A 82 15.33 4.25 -10.42
N ILE A 83 15.41 3.09 -9.79
CA ILE A 83 16.12 1.97 -10.38
C ILE A 83 15.21 0.75 -10.49
N MET A 84 14.88 0.41 -11.73
CA MET A 84 14.08 -0.77 -11.97
C MET A 84 14.88 -1.81 -12.75
N VAL A 85 14.81 -3.04 -12.29
CA VAL A 85 15.55 -4.12 -12.90
C VAL A 85 14.59 -5.18 -13.37
N GLU A 86 14.82 -5.66 -14.58
CA GLU A 86 14.08 -6.79 -15.10
C GLU A 86 15.00 -8.00 -15.26
N LEU A 87 14.59 -9.12 -14.67
CA LEU A 87 15.23 -10.41 -14.93
C LEU A 87 14.49 -11.05 -16.08
N GLY A 88 15.12 -11.08 -17.26
CA GLY A 88 14.41 -11.46 -18.48
C GLY A 88 14.37 -10.25 -19.39
N GLY A 89 13.68 -10.32 -20.52
CA GLY A 89 13.63 -9.18 -21.43
C GLY A 89 13.14 -9.46 -22.85
N TYR A 90 13.48 -10.64 -23.36
CA TYR A 90 13.12 -11.06 -24.74
C TYR A 90 13.39 -10.02 -25.82
N LEU A 91 12.34 -9.53 -26.49
CA LEU A 91 12.56 -8.66 -27.66
C LEU A 91 12.32 -7.18 -27.37
N GLY A 92 12.16 -6.82 -26.11
CA GLY A 92 12.15 -5.42 -25.71
C GLY A 92 10.79 -4.89 -25.30
N TYR A 93 9.78 -5.73 -25.37
CA TYR A 93 8.42 -5.27 -25.11
C TYR A 93 8.31 -4.68 -23.70
N SER A 94 8.72 -5.46 -22.71
CA SER A 94 8.62 -5.02 -21.33
C SER A 94 9.50 -3.77 -21.06
N ALA A 95 10.71 -3.79 -21.60
CA ALA A 95 11.65 -2.68 -21.42
C ALA A 95 11.07 -1.41 -22.02
N ILE A 96 10.32 -1.55 -23.10
CA ILE A 96 9.76 -0.37 -23.72
C ILE A 96 8.56 0.14 -22.91
N LEU A 97 7.66 -0.77 -22.53
CA LEU A 97 6.50 -0.39 -21.73
C LEU A 97 6.88 0.20 -20.36
N PHE A 98 7.83 -0.41 -19.66
CA PHE A 98 8.13 0.04 -18.31
C PHE A 98 9.18 1.13 -18.34
N GLY A 99 10.14 1.00 -19.24
CA GLY A 99 11.16 2.01 -19.43
C GLY A 99 10.55 3.35 -19.80
N ASN A 100 9.47 3.32 -20.56
CA ASN A 100 8.74 4.56 -20.87
C ASN A 100 8.25 5.29 -19.62
N GLU A 101 7.75 4.51 -18.65
CA GLU A 101 7.32 5.07 -17.36
C GLU A 101 8.54 5.50 -16.56
N ILE A 102 9.63 4.75 -16.68
CA ILE A 102 10.84 5.09 -15.94
C ILE A 102 11.39 6.42 -16.46
N SER A 103 11.19 6.67 -17.75
CA SER A 103 11.70 7.90 -18.36
C SER A 103 10.97 9.11 -17.78
N LYS A 104 9.78 8.91 -17.18
CA LYS A 104 9.04 10.02 -16.55
C LYS A 104 9.57 10.39 -15.17
N ILE A 105 10.46 9.58 -14.66
CA ILE A 105 10.99 9.77 -13.33
C ILE A 105 12.43 10.29 -13.41
N PRO A 106 12.68 11.50 -12.89
CA PRO A 106 14.03 12.09 -12.91
C PRO A 106 15.06 11.12 -12.32
N GLY A 107 16.15 10.89 -13.05
CA GLY A 107 17.14 9.93 -12.59
C GLY A 107 16.81 8.46 -12.84
N GLY A 108 15.63 8.18 -13.40
CA GLY A 108 15.18 6.81 -13.57
C GLY A 108 16.02 6.01 -14.55
N ARG A 109 16.35 4.79 -14.17
CA ARG A 109 17.05 3.85 -15.04
C ARG A 109 16.34 2.51 -14.99
N TYR A 110 16.30 1.86 -16.15
CA TYR A 110 15.74 0.53 -16.31
C TYR A 110 16.81 -0.44 -16.84
N TYR A 111 17.02 -1.53 -16.12
CA TYR A 111 17.99 -2.54 -16.50
C TYR A 111 17.30 -3.84 -16.86
N SER A 112 17.53 -4.29 -18.08
CA SER A 112 16.95 -5.54 -18.55
C SER A 112 18.08 -6.58 -18.61
N LEU A 113 17.94 -7.65 -17.85
CA LEU A 113 19.01 -8.64 -17.78
C LEU A 113 18.61 -9.88 -18.56
N GLU A 114 19.21 -9.98 -19.74
CA GLU A 114 18.79 -10.94 -20.75
C GLU A 114 19.94 -11.88 -21.07
N VAL A 115 19.69 -13.18 -20.94
CA VAL A 115 20.76 -14.16 -21.14
C VAL A 115 21.02 -14.46 -22.63
N ASN A 116 19.96 -14.56 -23.43
CA ASN A 116 20.10 -14.82 -24.86
C ASN A 116 20.59 -13.59 -25.63
N GLU A 117 21.82 -13.66 -26.13
CA GLU A 117 22.42 -12.52 -26.79
C GLU A 117 21.69 -12.11 -28.08
N ASP A 118 21.17 -13.09 -28.81
CA ASP A 118 20.45 -12.81 -30.06
C ASP A 118 19.23 -11.96 -29.81
N TYR A 119 18.48 -12.30 -28.77
CA TYR A 119 17.27 -11.59 -28.39
C TYR A 119 17.59 -10.18 -27.95
N ALA A 120 18.65 -10.07 -27.14
CA ALA A 120 19.04 -8.80 -26.57
C ALA A 120 19.44 -7.82 -27.66
N LYS A 121 20.05 -8.33 -28.74
CA LYS A 121 20.40 -7.48 -29.87
C LYS A 121 19.15 -6.92 -30.58
N ILE A 122 18.09 -7.71 -30.60
CA ILE A 122 16.85 -7.24 -31.20
C ILE A 122 16.14 -6.26 -30.26
N ALA A 123 16.08 -6.59 -28.98
CA ALA A 123 15.45 -5.71 -27.99
C ALA A 123 16.13 -4.33 -28.01
N TYR A 124 17.45 -4.31 -28.14
CA TYR A 124 18.21 -3.06 -28.25
C TYR A 124 17.73 -2.16 -29.40
N GLU A 125 17.54 -2.75 -30.57
CA GLU A 125 17.06 -1.99 -31.73
C GLU A 125 15.65 -1.43 -31.45
N LEU A 126 14.78 -2.24 -30.85
CA LEU A 126 13.42 -1.77 -30.60
C LEU A 126 13.38 -0.69 -29.52
N VAL A 127 14.13 -0.89 -28.43
CA VAL A 127 14.29 0.09 -27.39
C VAL A 127 14.80 1.40 -28.01
N LYS A 128 15.80 1.30 -28.90
CA LYS A 128 16.36 2.48 -29.54
C LYS A 128 15.33 3.18 -30.42
N LEU A 129 14.62 2.41 -31.25
CA LEU A 129 13.54 2.94 -32.06
C LEU A 129 12.50 3.66 -31.20
N ALA A 130 12.20 3.10 -30.03
CA ALA A 130 11.23 3.70 -29.11
C ALA A 130 11.78 4.96 -28.45
N GLY A 131 13.09 5.20 -28.60
CA GLY A 131 13.72 6.39 -28.04
C GLY A 131 14.21 6.27 -26.60
N LEU A 132 14.38 5.04 -26.14
CA LEU A 132 14.60 4.78 -24.72
C LEU A 132 16.05 4.40 -24.38
N ASP A 133 16.93 4.56 -25.35
CA ASP A 133 18.33 4.09 -25.29
C ASP A 133 19.16 4.69 -24.13
N GLU A 134 18.92 5.96 -23.78
CA GLU A 134 19.62 6.61 -22.67
C GLU A 134 19.10 6.19 -21.29
N ILE A 135 17.96 5.52 -21.28
CA ILE A 135 17.26 5.21 -20.04
C ILE A 135 17.34 3.72 -19.73
N VAL A 136 17.30 2.93 -20.81
CA VAL A 136 17.24 1.48 -20.73
C VAL A 136 18.58 0.87 -21.08
N THR A 137 19.13 0.10 -20.15
CA THR A 137 20.34 -0.65 -20.44
C THR A 137 19.99 -2.13 -20.47
N ILE A 138 20.39 -2.79 -21.53
CA ILE A 138 20.25 -4.23 -21.62
C ILE A 138 21.62 -4.86 -21.28
N MET A 139 21.64 -5.68 -20.25
CA MET A 139 22.84 -6.39 -19.83
C MET A 139 22.73 -7.83 -20.29
N ILE A 140 23.72 -8.26 -21.06
CA ILE A 140 23.70 -9.58 -21.68
C ILE A 140 24.51 -10.57 -20.84
N GLY A 141 23.96 -11.76 -20.62
CA GLY A 141 24.69 -12.77 -19.87
C GLY A 141 23.81 -13.37 -18.81
N LYS A 142 24.35 -14.30 -18.03
CA LYS A 142 23.57 -14.88 -16.94
C LYS A 142 23.14 -13.78 -16.00
N ALA A 143 21.90 -13.86 -15.55
CA ALA A 143 21.36 -12.85 -14.67
C ALA A 143 22.24 -12.64 -13.44
N CYS A 144 22.69 -13.73 -12.81
CA CYS A 144 23.45 -13.58 -11.56
C CYS A 144 24.74 -12.82 -11.82
N ASP A 145 25.39 -13.10 -12.94
CA ASP A 145 26.60 -12.38 -13.31
C ASP A 145 26.31 -10.89 -13.51
N SER A 146 25.21 -10.58 -14.20
CA SER A 146 24.84 -9.18 -14.46
C SER A 146 24.45 -8.45 -13.18
N LEU A 147 23.83 -9.16 -12.26
CA LEU A 147 23.49 -8.58 -10.97
C LEU A 147 24.77 -8.21 -10.20
N VAL A 148 25.72 -9.14 -10.17
CA VAL A 148 26.99 -8.84 -9.51
C VAL A 148 27.66 -7.65 -10.17
N GLU A 149 27.66 -7.62 -11.50
CA GLU A 149 28.25 -6.51 -12.23
C GLU A 149 27.53 -5.19 -11.96
N LEU A 150 26.20 -5.25 -11.92
CA LEU A 150 25.38 -4.06 -11.73
C LEU A 150 25.58 -3.49 -10.34
N GLN A 151 25.57 -4.35 -9.32
CA GLN A 151 25.78 -3.89 -7.96
C GLN A 151 27.11 -3.16 -7.80
N GLN A 152 28.16 -3.73 -8.36
CA GLN A 152 29.49 -3.16 -8.30
C GLN A 152 29.50 -1.81 -8.99
N LYS A 153 28.84 -1.73 -10.14
CA LYS A 153 28.72 -0.47 -10.87
C LYS A 153 27.92 0.58 -10.11
N LEU A 154 26.89 0.15 -9.39
CA LEU A 154 26.07 1.11 -8.66
C LEU A 154 26.82 1.63 -7.44
N LEU A 155 27.60 0.75 -6.82
CA LEU A 155 28.45 1.13 -5.68
C LEU A 155 29.47 2.23 -6.02
N HIS A 156 30.10 2.15 -7.20
CA HIS A 156 31.12 3.13 -7.58
C HIS A 156 30.53 4.51 -7.88
N PHE A 161 24.07 4.37 -2.19
CA PHE A 161 22.84 3.68 -2.58
C PHE A 161 23.08 2.18 -2.58
N GLN A 162 22.18 1.45 -1.91
CA GLN A 162 22.39 0.03 -1.71
C GLN A 162 21.33 -0.85 -2.39
N ALA A 163 20.08 -0.41 -2.45
CA ALA A 163 19.01 -1.33 -2.87
C ALA A 163 18.24 -0.95 -4.13
N LEU A 164 17.67 -1.96 -4.81
CA LEU A 164 16.83 -1.73 -5.97
C LEU A 164 15.43 -1.28 -5.55
N ASP A 165 14.81 -0.42 -6.35
CA ASP A 165 13.44 0.00 -6.04
C ASP A 165 12.38 -0.98 -6.53
N MET A 166 12.57 -1.53 -7.73
CA MET A 166 11.59 -2.43 -8.28
C MET A 166 12.25 -3.47 -9.17
N VAL A 167 11.83 -4.71 -8.99
CA VAL A 167 12.35 -5.82 -9.78
C VAL A 167 11.18 -6.51 -10.46
N PHE A 168 11.26 -6.61 -11.78
CA PHE A 168 10.30 -7.36 -12.59
C PHE A 168 10.94 -8.70 -12.98
N ILE A 169 10.28 -9.78 -12.57
CA ILE A 169 10.86 -11.11 -12.73
C ILE A 169 10.01 -11.92 -13.70
N ASP A 170 10.55 -12.20 -14.89
CA ASP A 170 9.82 -13.02 -15.86
C ASP A 170 10.75 -13.71 -16.81
N HIS A 171 11.81 -14.33 -16.30
CA HIS A 171 12.64 -15.19 -17.13
C HIS A 171 12.27 -16.66 -16.78
N TRP A 172 13.24 -17.56 -16.75
CA TRP A 172 12.92 -18.98 -16.58
C TRP A 172 12.57 -19.27 -15.13
N LYS A 173 11.41 -19.92 -14.94
CA LYS A 173 10.82 -20.18 -13.62
C LYS A 173 11.79 -20.77 -12.58
N ASP A 174 12.73 -21.59 -13.03
CA ASP A 174 13.61 -22.26 -12.09
C ASP A 174 14.76 -21.40 -11.61
N LEU A 175 14.89 -20.22 -12.17
CA LEU A 175 15.91 -19.28 -11.74
C LEU A 175 15.33 -18.16 -10.89
N TYR A 176 14.02 -18.18 -10.66
CA TYR A 176 13.36 -17.15 -9.84
C TYR A 176 13.97 -17.03 -8.43
N VAL A 177 13.98 -18.14 -7.69
CA VAL A 177 14.57 -18.15 -6.35
C VAL A 177 16.09 -18.05 -6.42
N PRO A 178 16.76 -18.85 -7.28
CA PRO A 178 18.21 -18.67 -7.33
C PRO A 178 18.66 -17.25 -7.61
N ASP A 179 17.97 -16.51 -8.48
CA ASP A 179 18.41 -15.15 -8.78
C ASP A 179 17.99 -14.14 -7.71
N LEU A 180 16.80 -14.33 -7.15
CA LEU A 180 16.37 -13.50 -6.04
C LEU A 180 17.39 -13.57 -4.89
N ARG A 181 17.90 -14.79 -4.63
CA ARG A 181 18.83 -14.98 -3.53
C ARG A 181 20.13 -14.27 -3.82
N VAL A 182 20.49 -14.19 -5.10
CA VAL A 182 21.63 -13.39 -5.52
C VAL A 182 21.39 -11.92 -5.15
N ILE A 183 20.21 -11.40 -5.48
CA ILE A 183 19.88 -10.01 -5.19
C ILE A 183 19.92 -9.72 -3.68
N GLU A 184 19.29 -10.59 -2.91
CA GLU A 184 19.34 -10.51 -1.44
C GLU A 184 20.79 -10.49 -0.94
N SER A 185 21.59 -11.48 -1.34
CA SER A 185 23.00 -11.55 -0.95
C SER A 185 23.75 -10.29 -1.35
N LEU A 186 23.36 -9.67 -2.45
CA LEU A 186 24.05 -8.45 -2.87
C LEU A 186 23.53 -7.24 -2.10
N ASN A 187 22.65 -7.47 -1.12
CA ASN A 187 21.98 -6.38 -0.38
C ASN A 187 21.26 -5.38 -1.24
N MET A 188 20.62 -5.83 -2.30
CA MET A 188 19.93 -4.92 -3.20
C MET A 188 18.43 -4.94 -2.94
N ILE A 189 18.04 -5.67 -1.91
CA ILE A 189 16.67 -5.60 -1.42
C ILE A 189 16.63 -4.96 -0.04
N ALA A 190 15.79 -3.94 0.10
CA ALA A 190 15.61 -3.20 1.34
C ALA A 190 14.15 -2.88 1.49
N PRO A 191 13.72 -2.40 2.67
CA PRO A 191 12.33 -1.96 2.80
C PRO A 191 11.97 -0.93 1.74
N GLY A 192 10.82 -1.11 1.10
CA GLY A 192 10.43 -0.24 0.00
C GLY A 192 10.65 -0.92 -1.36
N THR A 193 11.52 -1.92 -1.39
CA THR A 193 11.74 -2.66 -2.64
C THR A 193 10.53 -3.52 -2.98
N LEU A 194 10.08 -3.42 -4.22
CA LEU A 194 8.93 -4.16 -4.71
C LEU A 194 9.37 -5.20 -5.74
N LEU A 195 8.96 -6.45 -5.50
CA LEU A 195 9.17 -7.53 -6.47
C LEU A 195 7.84 -7.88 -7.16
N VAL A 196 7.88 -7.90 -8.48
CA VAL A 196 6.75 -8.25 -9.30
C VAL A 196 7.16 -9.43 -10.17
N ALA A 197 6.58 -10.59 -9.87
CA ALA A 197 6.98 -11.83 -10.51
C ALA A 197 5.85 -12.37 -11.40
N ASP A 198 6.14 -12.57 -12.69
CA ASP A 198 5.13 -12.98 -13.64
C ASP A 198 4.96 -14.49 -13.69
N ASN A 199 3.83 -14.93 -14.22
CA ASN A 199 3.55 -16.35 -14.51
C ASN A 199 3.65 -17.23 -13.27
N ILE A 200 2.99 -16.84 -12.19
CA ILE A 200 3.07 -17.60 -10.95
C ILE A 200 2.30 -18.92 -11.02
N ILE A 201 1.19 -18.90 -11.74
CA ILE A 201 0.30 -20.05 -11.82
C ILE A 201 0.62 -20.94 -13.03
N THR A 202 0.87 -20.30 -14.16
CA THR A 202 1.06 -21.02 -15.41
C THR A 202 2.42 -20.65 -16.01
N PRO A 203 3.31 -21.64 -16.14
CA PRO A 203 3.13 -23.05 -15.77
C PRO A 203 3.12 -23.56 -14.29
N GLY A 204 3.53 -22.82 -13.25
CA GLY A 204 4.24 -21.57 -13.29
C GLY A 204 5.46 -21.60 -12.39
N ALA A 205 5.35 -21.01 -11.20
CA ALA A 205 6.53 -20.93 -10.33
C ALA A 205 6.25 -21.11 -8.84
N PRO A 206 5.84 -22.33 -8.45
CA PRO A 206 5.45 -22.65 -7.06
C PRO A 206 6.57 -22.38 -6.04
N GLU A 207 7.80 -22.71 -6.43
CA GLU A 207 8.97 -22.53 -5.59
C GLU A 207 9.20 -21.09 -5.16
N TYR A 208 9.14 -20.16 -6.11
CA TYR A 208 9.25 -18.73 -5.80
C TYR A 208 8.08 -18.27 -4.94
N HIS A 209 6.88 -18.71 -5.32
CA HIS A 209 5.66 -18.36 -4.60
C HIS A 209 5.76 -18.78 -3.14
N LYS A 210 6.35 -19.95 -2.93
CA LYS A 210 6.60 -20.49 -1.60
C LYS A 210 7.65 -19.66 -0.84
N TYR A 211 8.74 -19.36 -1.52
CA TYR A 211 9.89 -18.69 -0.91
C TYR A 211 9.52 -17.32 -0.39
N VAL A 212 8.81 -16.53 -1.19
CA VAL A 212 8.49 -15.17 -0.78
C VAL A 212 7.36 -15.16 0.25
N ASN A 213 6.70 -16.30 0.45
CA ASN A 213 5.67 -16.40 1.49
C ASN A 213 6.18 -17.06 2.75
N MET A 214 7.46 -17.40 2.75
CA MET A 214 8.07 -18.01 3.92
C MET A 214 8.39 -16.94 4.94
N SER A 215 8.28 -17.31 6.21
CA SER A 215 8.75 -16.47 7.30
C SER A 215 10.25 -16.30 7.16
N PRO A 216 10.80 -15.31 7.87
CA PRO A 216 12.27 -15.19 7.88
C PRO A 216 13.00 -16.43 8.43
N GLU A 217 12.43 -17.16 9.39
CA GLU A 217 13.09 -18.36 9.92
C GLU A 217 13.00 -19.53 8.94
N GLU A 218 11.84 -19.70 8.31
CA GLU A 218 11.67 -20.76 7.34
C GLU A 218 12.67 -20.60 6.20
N ARG A 219 12.94 -19.35 5.83
CA ARG A 219 13.92 -19.06 4.78
C ARG A 219 15.34 -19.20 5.28
N ARG A 220 15.52 -19.03 6.58
CA ARG A 220 16.82 -19.23 7.19
C ARG A 220 17.27 -20.67 6.97
N GLY A 221 16.32 -21.59 7.11
CA GLY A 221 16.58 -23.00 6.99
C GLY A 221 16.62 -23.44 5.54
N TYR A 222 15.71 -22.86 4.76
CA TYR A 222 15.67 -23.10 3.32
C TYR A 222 17.04 -22.81 2.71
N GLN A 223 17.62 -21.67 3.07
CA GLN A 223 18.90 -21.23 2.50
C GLN A 223 20.10 -22.11 2.89
N ALA A 224 20.10 -22.60 4.13
CA ALA A 224 21.15 -23.48 4.60
C ALA A 224 21.00 -24.84 3.92
N LYS A 225 19.75 -25.21 3.64
CA LYS A 225 19.47 -26.52 3.06
C LYS A 225 19.60 -26.56 1.53
N VAL A 226 19.03 -25.57 0.83
CA VAL A 226 19.12 -25.51 -0.63
C VAL A 226 20.33 -24.71 -1.11
N ARG A 227 21.32 -25.41 -1.67
CA ARG A 227 22.45 -24.74 -2.28
C ARG A 227 21.95 -23.86 -3.43
N ASN A 228 22.50 -22.66 -3.56
CA ASN A 228 22.16 -21.84 -4.72
C ASN A 228 22.99 -22.27 -5.91
N VAL A 229 22.30 -22.73 -6.95
CA VAL A 229 22.95 -23.11 -8.19
C VAL A 229 23.80 -22.00 -8.83
N ASN A 230 23.51 -20.74 -8.51
CA ASN A 230 24.27 -19.64 -9.09
C ASN A 230 25.66 -19.51 -8.45
N GLY A 231 25.84 -20.17 -7.31
CA GLY A 231 27.09 -20.12 -6.57
C GLY A 231 26.83 -20.29 -5.08
N PHE A 232 27.78 -20.93 -4.40
CA PHE A 232 27.60 -21.24 -2.99
C PHE A 232 27.43 -20.02 -2.07
N ASP A 233 28.19 -18.96 -2.32
CA ASP A 233 28.17 -17.79 -1.42
C ASP A 233 26.98 -16.85 -1.71
N PHE A 234 26.13 -17.21 -2.66
CA PHE A 234 24.90 -16.44 -2.87
C PHE A 234 23.79 -17.09 -2.05
N ILE A 235 24.03 -17.20 -0.75
CA ILE A 235 23.12 -17.92 0.14
C ILE A 235 21.76 -17.24 0.25
N GLY A 236 21.73 -15.92 0.11
CA GLY A 236 20.50 -15.18 0.30
C GLY A 236 20.53 -14.38 1.59
N ARG A 237 19.39 -13.81 1.95
CA ARG A 237 19.30 -13.04 3.19
C ARG A 237 17.98 -13.36 3.87
N TRP A 238 18.04 -14.13 4.95
CA TRP A 238 16.83 -14.66 5.57
C TRP A 238 16.06 -13.62 6.40
N ASP A 239 16.76 -12.60 6.88
CA ASP A 239 16.12 -11.63 7.78
C ASP A 239 15.37 -10.53 7.04
N LEU A 240 14.83 -10.83 5.87
CA LEU A 240 14.06 -9.83 5.15
C LEU A 240 12.60 -10.17 5.35
N ILE A 241 11.82 -9.17 5.72
CA ILE A 241 10.39 -9.38 5.87
C ILE A 241 9.69 -9.00 4.58
N TYR A 242 9.00 -9.99 4.00
CA TYR A 242 8.28 -9.84 2.75
C TYR A 242 6.80 -9.85 3.03
N LYS A 243 6.05 -9.08 2.25
CA LYS A 243 4.61 -9.14 2.27
C LYS A 243 4.17 -9.30 0.82
N THR A 244 3.45 -10.38 0.53
CA THR A 244 3.18 -10.79 -0.84
C THR A 244 1.70 -10.90 -1.14
N GLU A 245 1.32 -10.45 -2.31
CA GLU A 245 -0.05 -10.48 -2.75
C GLU A 245 -0.11 -11.02 -4.17
N THR A 246 -1.07 -11.87 -4.45
CA THR A 246 -1.23 -12.42 -5.79
C THR A 246 -2.36 -11.72 -6.52
N LYS A 247 -2.05 -11.12 -7.68
CA LYS A 247 -3.06 -10.47 -8.49
C LYS A 247 -3.39 -11.37 -9.69
N GLU A 248 -4.67 -11.56 -9.97
CA GLU A 248 -5.07 -12.42 -11.09
C GLU A 248 -5.67 -11.62 -12.23
N PHE A 249 -5.48 -12.09 -13.46
CA PHE A 249 -5.99 -11.40 -14.63
C PHE A 249 -6.79 -12.34 -15.53
N ASP A 260 -3.64 -16.61 -15.28
CA ASP A 260 -2.72 -15.49 -15.41
C ASP A 260 -2.59 -14.70 -14.10
N ALA A 261 -1.48 -14.91 -13.39
CA ALA A 261 -1.28 -14.21 -12.12
C ALA A 261 0.16 -13.75 -11.88
N VAL A 262 0.31 -12.61 -11.21
CA VAL A 262 1.61 -12.09 -10.81
C VAL A 262 1.70 -11.99 -9.28
N ASP A 263 2.85 -12.33 -8.72
CA ASP A 263 3.09 -12.11 -7.29
C ASP A 263 3.70 -10.72 -7.04
N VAL A 264 3.07 -9.95 -6.15
CA VAL A 264 3.55 -8.61 -5.82
C VAL A 264 4.06 -8.63 -4.38
N THR A 265 5.39 -8.57 -4.25
CA THR A 265 6.07 -8.74 -2.97
C THR A 265 6.78 -7.44 -2.56
N GLU A 266 6.42 -6.91 -1.39
CA GLU A 266 7.13 -5.74 -0.87
C GLU A 266 7.98 -6.13 0.33
N CYS A 267 9.24 -5.67 0.34
CA CYS A 267 10.06 -5.80 1.54
C CYS A 267 9.62 -4.70 2.48
N VAL A 268 9.12 -5.09 3.64
CA VAL A 268 8.52 -4.13 4.57
C VAL A 268 9.32 -3.94 5.85
N GLY A 269 10.40 -4.69 6.00
CA GLY A 269 11.24 -4.54 7.17
C GLY A 269 12.27 -5.64 7.32
N TYR A 270 13.09 -5.51 8.35
CA TYR A 270 14.05 -6.54 8.74
C TYR A 270 13.59 -7.34 9.97
N ALA A 271 13.91 -8.62 10.01
CA ALA A 271 13.58 -9.44 11.17
C ALA A 271 14.56 -9.18 12.32
N LYS A 272 14.12 -9.51 13.53
CA LYS A 272 14.85 -9.20 14.78
C LYS A 272 16.31 -9.63 14.80
N SER B 17 -19.39 20.43 30.86
CA SER B 17 -19.74 19.02 30.73
C SER B 17 -21.23 18.75 30.94
N GLU B 18 -21.91 19.67 31.62
CA GLU B 18 -23.25 19.46 32.14
C GLU B 18 -24.33 19.15 31.07
N LYS B 19 -24.25 19.78 29.91
CA LYS B 19 -25.17 19.49 28.82
C LYS B 19 -25.22 18.00 28.46
N GLU B 20 -24.05 17.37 28.39
CA GLU B 20 -23.99 15.95 28.09
C GLU B 20 -24.53 15.13 29.24
N GLN B 21 -24.41 15.64 30.45
CA GLN B 21 -24.94 14.92 31.61
C GLN B 21 -26.47 14.85 31.53
N LEU B 22 -27.09 15.84 30.90
CA LEU B 22 -28.53 15.80 30.71
C LEU B 22 -28.93 14.55 29.92
N PHE B 23 -28.14 14.26 28.88
CA PHE B 23 -28.41 13.13 28.01
C PHE B 23 -28.23 11.79 28.72
N LEU B 24 -27.18 11.69 29.54
CA LEU B 24 -26.95 10.45 30.27
C LEU B 24 -28.11 10.18 31.20
N GLN B 25 -28.52 11.24 31.92
CA GLN B 25 -29.67 11.17 32.82
C GLN B 25 -30.92 10.67 32.09
N HIS B 26 -31.16 11.20 30.89
CA HIS B 26 -32.27 10.74 30.07
C HIS B 26 -32.19 9.23 29.83
N ILE B 27 -31.03 8.75 29.37
CA ILE B 27 -30.85 7.33 29.10
C ILE B 27 -31.05 6.50 30.37
N GLN B 28 -30.44 6.95 31.45
CA GLN B 28 -30.52 6.26 32.73
C GLN B 28 -31.92 6.17 33.29
N ASN B 29 -32.74 7.18 33.00
CA ASN B 29 -34.11 7.23 33.48
C ASN B 29 -35.17 6.76 32.48
N LEU B 30 -34.75 6.04 31.44
CA LEU B 30 -35.71 5.40 30.54
C LEU B 30 -36.42 4.29 31.29
N PRO B 31 -37.70 4.02 30.98
CA PRO B 31 -38.41 2.89 31.58
C PRO B 31 -37.68 1.60 31.30
N GLN B 32 -37.75 0.64 32.21
CA GLN B 32 -37.19 -0.69 32.00
C GLN B 32 -37.62 -1.30 30.68
N GLU B 33 -38.86 -1.04 30.29
CA GLU B 33 -39.39 -1.61 29.05
C GLU B 33 -38.64 -1.06 27.84
N ARG B 34 -38.25 0.20 27.87
CA ARG B 34 -37.53 0.78 26.73
C ARG B 34 -36.09 0.25 26.66
N LEU B 35 -35.42 0.19 27.81
CA LEU B 35 -34.07 -0.38 27.89
C LEU B 35 -34.03 -1.82 27.42
N ASP B 36 -35.02 -2.61 27.85
CA ASP B 36 -35.11 -4.00 27.43
C ASP B 36 -35.32 -4.13 25.91
N ALA B 37 -36.04 -3.17 25.35
CA ALA B 37 -36.33 -3.25 23.93
C ALA B 37 -35.09 -2.90 23.08
N ILE B 38 -34.21 -2.04 23.60
CA ILE B 38 -33.11 -1.57 22.79
C ILE B 38 -31.77 -2.15 23.19
N ARG B 39 -31.69 -2.81 24.35
CA ARG B 39 -30.44 -3.34 24.84
C ARG B 39 -29.85 -4.36 23.87
N GLY B 40 -28.59 -4.19 23.49
CA GLY B 40 -27.94 -5.13 22.59
C GLY B 40 -28.31 -4.94 21.14
N HIS B 41 -29.08 -3.90 20.83
CA HIS B 41 -29.42 -3.57 19.45
C HIS B 41 -28.85 -2.22 19.05
N PRO B 42 -27.62 -2.22 18.52
CA PRO B 42 -26.88 -1.00 18.19
C PRO B 42 -27.69 0.04 17.39
N GLU B 43 -28.40 -0.38 16.34
CA GLU B 43 -29.19 0.57 15.57
C GLU B 43 -30.22 1.28 16.43
N LEU B 44 -30.84 0.54 17.37
CA LEU B 44 -31.88 1.12 18.21
C LEU B 44 -31.28 2.11 19.20
N VAL B 45 -30.08 1.84 19.71
CA VAL B 45 -29.45 2.75 20.66
C VAL B 45 -29.06 4.04 19.94
N LEU B 46 -28.56 3.91 18.71
CA LEU B 46 -28.25 5.07 17.87
C LEU B 46 -29.49 5.94 17.64
N LYS B 47 -30.62 5.29 17.39
CA LYS B 47 -31.88 6.00 17.24
C LYS B 47 -32.29 6.78 18.49
N GLU B 48 -32.09 6.22 19.69
CA GLU B 48 -32.40 6.98 20.91
C GLU B 48 -31.52 8.22 20.98
N ILE B 49 -30.26 8.09 20.57
CA ILE B 49 -29.37 9.24 20.59
C ILE B 49 -29.81 10.30 19.61
N ASP B 50 -30.08 9.88 18.37
CA ASP B 50 -30.51 10.78 17.32
C ASP B 50 -31.79 11.54 17.68
N GLU B 51 -32.69 10.89 18.40
CA GLU B 51 -34.02 11.45 18.60
C GLU B 51 -34.15 12.32 19.85
N PHE B 52 -33.12 12.29 20.70
CA PHE B 52 -33.17 13.09 21.90
C PHE B 52 -33.03 14.58 21.57
N THR B 53 -33.76 15.41 22.30
CA THR B 53 -33.63 16.84 22.15
C THR B 53 -33.35 17.47 23.50
N TYR B 54 -32.47 18.47 23.52
CA TYR B 54 -32.25 19.24 24.74
C TYR B 54 -33.42 20.22 24.98
N PRO B 55 -33.49 20.83 26.18
CA PRO B 55 -34.55 21.82 26.38
C PRO B 55 -34.54 22.98 25.37
N ASP B 56 -33.37 23.41 24.93
CA ASP B 56 -33.30 24.53 23.99
C ASP B 56 -33.55 24.12 22.55
N GLY B 57 -34.00 22.88 22.35
CA GLY B 57 -34.39 22.42 21.02
C GLY B 57 -33.30 21.75 20.19
N SER B 58 -32.06 21.89 20.62
CA SER B 58 -30.92 21.35 19.87
C SER B 58 -30.76 19.84 20.04
N GLY B 59 -29.98 19.23 19.14
CA GLY B 59 -29.75 17.79 19.17
C GLY B 59 -28.45 17.41 19.83
N VAL B 60 -28.22 16.12 20.04
CA VAL B 60 -26.91 15.65 20.51
C VAL B 60 -25.89 15.90 19.40
N ARG B 61 -24.75 16.47 19.77
CA ARG B 61 -23.70 16.75 18.78
C ARG B 61 -22.97 15.47 18.38
N MET B 62 -22.34 15.51 17.21
CA MET B 62 -21.48 14.44 16.67
C MET B 62 -22.21 13.16 16.24
N CYS B 63 -23.49 13.25 15.94
CA CYS B 63 -24.17 12.11 15.35
C CYS B 63 -23.72 11.99 13.91
N ILE B 64 -23.48 10.75 13.48
CA ILE B 64 -23.03 10.53 12.11
C ILE B 64 -24.23 10.35 11.20
N GLY B 65 -24.28 11.12 10.13
CA GLY B 65 -25.41 11.09 9.22
C GLY B 65 -25.51 9.77 8.49
N ASP B 66 -26.70 9.49 7.96
CA ASP B 66 -26.96 8.24 7.28
C ASP B 66 -25.99 8.03 6.12
N VAL B 67 -25.78 9.07 5.32
CA VAL B 67 -24.99 8.92 4.10
C VAL B 67 -23.50 8.77 4.41
N LYS B 68 -22.97 9.62 5.28
CA LYS B 68 -21.57 9.54 5.67
C LYS B 68 -21.26 8.24 6.43
N GLY B 69 -22.16 7.86 7.34
CA GLY B 69 -22.02 6.65 8.11
C GLY B 69 -21.96 5.44 7.21
N GLY B 70 -22.89 5.35 6.27
CA GLY B 70 -22.91 4.27 5.30
C GLY B 70 -21.67 4.19 4.43
N PHE B 71 -21.06 5.33 4.12
CA PHE B 71 -19.84 5.32 3.32
C PHE B 71 -18.69 4.71 4.13
N ILE B 72 -18.55 5.14 5.38
CA ILE B 72 -17.48 4.63 6.22
C ILE B 72 -17.80 3.18 6.58
N VAL B 73 -19.08 2.89 6.83
CA VAL B 73 -19.52 1.52 7.07
C VAL B 73 -19.17 0.63 5.86
N GLY B 74 -19.44 1.12 4.66
CA GLY B 74 -19.03 0.43 3.44
C GLY B 74 -17.53 0.13 3.37
N LYS B 75 -16.69 1.09 3.79
CA LYS B 75 -15.25 0.84 3.79
C LYS B 75 -14.89 -0.26 4.77
N ILE B 76 -15.58 -0.29 5.91
CA ILE B 76 -15.29 -1.29 6.91
C ILE B 76 -15.66 -2.66 6.37
N ARG B 77 -16.83 -2.74 5.72
CA ARG B 77 -17.30 -4.03 5.17
C ARG B 77 -16.40 -4.52 4.05
N GLU B 78 -15.91 -3.61 3.25
CA GLU B 78 -15.05 -4.01 2.14
C GLU B 78 -13.69 -4.47 2.64
N ARG B 79 -13.12 -3.76 3.61
CA ARG B 79 -11.72 -4.01 3.97
C ARG B 79 -11.51 -4.86 5.22
N LYS B 80 -12.57 -5.01 6.03
CA LYS B 80 -12.54 -5.87 7.20
C LYS B 80 -11.32 -5.64 8.11
N PRO B 81 -11.16 -4.40 8.58
CA PRO B 81 -10.07 -4.14 9.51
C PRO B 81 -10.23 -4.98 10.77
N LYS B 82 -9.16 -5.58 11.25
CA LYS B 82 -9.25 -6.27 12.53
C LYS B 82 -9.05 -5.29 13.69
N ILE B 83 -8.27 -4.24 13.43
CA ILE B 83 -7.99 -3.23 14.43
C ILE B 83 -8.35 -1.86 13.88
N MET B 84 -9.40 -1.27 14.42
CA MET B 84 -9.84 0.07 14.05
C MET B 84 -9.71 1.00 15.26
N VAL B 85 -9.17 2.17 15.03
CA VAL B 85 -8.96 3.16 16.07
C VAL B 85 -9.68 4.43 15.69
N GLU B 86 -10.32 5.05 16.68
CA GLU B 86 -10.90 6.35 16.49
C GLU B 86 -10.16 7.36 17.36
N LEU B 87 -9.78 8.47 16.75
CA LEU B 87 -9.32 9.63 17.49
C LEU B 87 -10.51 10.55 17.76
N GLY B 88 -10.95 10.61 19.02
CA GLY B 88 -12.20 11.27 19.34
C GLY B 88 -13.19 10.22 19.79
N GLY B 89 -14.45 10.59 19.98
CA GLY B 89 -15.45 9.64 20.41
C GLY B 89 -16.75 10.25 20.93
N TYR B 90 -16.63 11.41 21.59
CA TYR B 90 -17.77 12.09 22.19
C TYR B 90 -18.64 11.15 23.04
N LEU B 91 -19.89 10.95 22.64
CA LEU B 91 -20.80 10.21 23.52
C LEU B 91 -21.07 8.78 23.06
N GLY B 92 -20.29 8.32 22.08
CA GLY B 92 -20.28 6.91 21.73
C GLY B 92 -20.94 6.56 20.41
N TYR B 93 -21.48 7.57 19.72
CA TYR B 93 -22.22 7.34 18.49
C TYR B 93 -21.37 6.61 17.44
N SER B 94 -20.21 7.18 17.13
CA SER B 94 -19.31 6.59 16.14
C SER B 94 -18.85 5.19 16.59
N ALA B 95 -18.50 5.08 17.87
CA ALA B 95 -18.06 3.80 18.42
C ALA B 95 -19.13 2.73 18.27
N ILE B 96 -20.39 3.13 18.37
CA ILE B 96 -21.47 2.15 18.30
C ILE B 96 -21.76 1.76 16.85
N LEU B 97 -21.87 2.75 15.97
CA LEU B 97 -22.13 2.52 14.55
C LEU B 97 -21.01 1.68 13.93
N PHE B 98 -19.76 2.04 14.21
CA PHE B 98 -18.64 1.37 13.55
C PHE B 98 -18.25 0.11 14.33
N GLY B 99 -18.33 0.18 15.67
CA GLY B 99 -18.07 -0.96 16.51
C GLY B 99 -19.00 -2.11 16.20
N ASN B 100 -20.25 -1.79 15.85
CA ASN B 100 -21.18 -2.82 15.40
C ASN B 100 -20.68 -3.53 14.14
N GLU B 101 -20.05 -2.77 13.24
CA GLU B 101 -19.47 -3.37 12.03
C GLU B 101 -18.23 -4.20 12.37
N ILE B 102 -17.45 -3.71 13.30
CA ILE B 102 -16.28 -4.43 13.75
C ILE B 102 -16.69 -5.74 14.40
N SER B 103 -17.85 -5.74 15.07
CA SER B 103 -18.30 -6.94 15.77
C SER B 103 -18.60 -8.07 14.77
N LYS B 104 -18.84 -7.72 13.50
CA LYS B 104 -19.06 -8.73 12.45
C LYS B 104 -17.76 -9.36 11.95
N ILE B 105 -16.62 -8.79 12.34
CA ILE B 105 -15.33 -9.26 11.86
C ILE B 105 -14.62 -10.04 12.96
N PRO B 106 -14.38 -11.34 12.71
CA PRO B 106 -13.70 -12.20 13.68
C PRO B 106 -12.41 -11.55 14.18
N GLY B 107 -12.20 -11.53 15.49
CA GLY B 107 -11.00 -10.91 16.02
C GLY B 107 -11.06 -9.38 16.04
N GLY B 108 -12.16 -8.82 15.55
CA GLY B 108 -12.26 -7.37 15.40
C GLY B 108 -12.27 -6.60 16.72
N ARG B 109 -11.50 -5.50 16.79
CA ARG B 109 -11.56 -4.64 17.97
C ARG B 109 -11.64 -3.17 17.60
N TYR B 110 -12.39 -2.40 18.39
CA TYR B 110 -12.52 -0.97 18.15
C TYR B 110 -11.99 -0.17 19.36
N TYR B 111 -11.05 0.72 19.11
CA TYR B 111 -10.50 1.58 20.16
C TYR B 111 -10.90 3.03 19.91
N SER B 112 -11.56 3.62 20.88
CA SER B 112 -11.95 5.01 20.79
C SER B 112 -11.08 5.80 21.75
N LEU B 113 -10.34 6.77 21.23
CA LEU B 113 -9.43 7.51 22.08
C LEU B 113 -10.03 8.88 22.36
N GLU B 114 -10.53 9.04 23.57
CA GLU B 114 -11.31 10.21 23.95
C GLU B 114 -10.59 10.95 25.06
N VAL B 115 -10.31 12.24 24.86
CA VAL B 115 -9.56 13.00 25.87
C VAL B 115 -10.44 13.43 27.07
N ASN B 116 -11.66 13.85 26.80
CA ASN B 116 -12.60 14.25 27.85
C ASN B 116 -13.22 13.05 28.61
N GLU B 117 -12.84 12.91 29.87
CA GLU B 117 -13.25 11.79 30.71
C GLU B 117 -14.76 11.75 30.98
N ASP B 118 -15.40 12.90 31.08
CA ASP B 118 -16.84 12.97 31.26
C ASP B 118 -17.56 12.38 30.04
N TYR B 119 -17.06 12.70 28.84
CA TYR B 119 -17.67 12.16 27.64
C TYR B 119 -17.44 10.64 27.59
N ALA B 120 -16.21 10.22 27.91
CA ALA B 120 -15.87 8.82 27.83
C ALA B 120 -16.71 7.95 28.77
N LYS B 121 -17.02 8.47 29.95
CA LYS B 121 -17.84 7.73 30.90
C LYS B 121 -19.26 7.54 30.36
N ILE B 122 -19.76 8.53 29.64
CA ILE B 122 -21.10 8.44 29.06
C ILE B 122 -21.09 7.49 27.85
N ALA B 123 -20.09 7.62 26.98
CA ALA B 123 -19.97 6.74 25.82
C ALA B 123 -19.87 5.30 26.29
N TYR B 124 -19.14 5.09 27.38
CA TYR B 124 -19.00 3.75 27.94
C TYR B 124 -20.35 3.10 28.23
N GLU B 125 -21.25 3.84 28.86
CA GLU B 125 -22.60 3.35 29.16
C GLU B 125 -23.38 3.05 27.89
N LEU B 126 -23.26 3.92 26.91
CA LEU B 126 -24.03 3.72 25.69
C LEU B 126 -23.51 2.50 24.90
N VAL B 127 -22.18 2.38 24.81
CA VAL B 127 -21.56 1.22 24.16
C VAL B 127 -22.02 -0.09 24.81
N LYS B 128 -22.04 -0.09 26.14
CA LYS B 128 -22.46 -1.25 26.91
C LYS B 128 -23.94 -1.56 26.67
N LEU B 129 -24.79 -0.54 26.73
CA LEU B 129 -26.20 -0.71 26.41
C LEU B 129 -26.37 -1.31 25.01
N ALA B 130 -25.50 -0.89 24.09
CA ALA B 130 -25.55 -1.35 22.71
C ALA B 130 -25.07 -2.80 22.54
N GLY B 131 -24.51 -3.37 23.61
CA GLY B 131 -24.06 -4.75 23.62
C GLY B 131 -22.63 -4.89 23.08
N LEU B 132 -21.86 -3.79 23.04
CA LEU B 132 -20.57 -3.77 22.32
C LEU B 132 -19.35 -3.72 23.22
N ASP B 133 -19.59 -3.94 24.51
CA ASP B 133 -18.58 -3.80 25.54
C ASP B 133 -17.36 -4.70 25.37
N GLU B 134 -17.55 -5.91 24.85
CA GLU B 134 -16.43 -6.81 24.61
C GLU B 134 -15.59 -6.45 23.39
N ILE B 135 -16.10 -5.54 22.56
CA ILE B 135 -15.52 -5.24 21.25
C ILE B 135 -14.89 -3.86 21.23
N VAL B 136 -15.51 -2.94 21.96
CA VAL B 136 -15.13 -1.53 21.95
C VAL B 136 -14.38 -1.20 23.22
N THR B 137 -13.17 -0.68 23.09
CA THR B 137 -12.46 -0.21 24.26
C THR B 137 -12.32 1.32 24.17
N ILE B 138 -12.75 1.99 25.23
CA ILE B 138 -12.56 3.43 25.32
C ILE B 138 -11.33 3.74 26.16
N MET B 139 -10.37 4.41 25.55
CA MET B 139 -9.15 4.80 26.22
C MET B 139 -9.23 6.28 26.52
N ILE B 140 -9.06 6.63 27.79
CA ILE B 140 -9.21 8.01 28.23
C ILE B 140 -7.86 8.70 28.37
N GLY B 141 -7.76 9.93 27.88
CA GLY B 141 -6.54 10.69 28.01
C GLY B 141 -6.17 11.31 26.69
N LYS B 142 -5.05 12.03 26.65
CA LYS B 142 -4.54 12.58 25.39
C LYS B 142 -4.31 11.44 24.40
N ALA B 143 -4.67 11.68 23.14
CA ALA B 143 -4.54 10.66 22.11
C ALA B 143 -3.11 10.11 22.01
N CYS B 144 -2.12 11.00 22.07
CA CYS B 144 -0.75 10.57 21.90
C CYS B 144 -0.33 9.59 23.00
N ASP B 145 -0.74 9.86 24.24
CA ASP B 145 -0.47 8.94 25.35
C ASP B 145 -1.14 7.59 25.16
N SER B 146 -2.41 7.61 24.79
CA SER B 146 -3.13 6.37 24.57
C SER B 146 -2.58 5.61 23.38
N LEU B 147 -2.14 6.34 22.34
CA LEU B 147 -1.53 5.67 21.18
C LEU B 147 -0.25 4.94 21.61
N VAL B 148 0.59 5.62 22.39
CA VAL B 148 1.79 5.00 22.93
C VAL B 148 1.40 3.76 23.76
N GLU B 149 0.36 3.92 24.56
CA GLU B 149 -0.08 2.80 25.39
C GLU B 149 -0.61 1.69 24.52
N LEU B 150 -1.33 2.06 23.46
CA LEU B 150 -1.96 1.07 22.59
C LEU B 150 -0.89 0.27 21.85
N GLN B 151 0.14 0.96 21.36
CA GLN B 151 1.24 0.30 20.64
C GLN B 151 1.86 -0.78 21.54
N GLN B 152 2.05 -0.46 22.81
CA GLN B 152 2.57 -1.43 23.77
C GLN B 152 1.63 -2.62 23.93
N LYS B 153 0.32 -2.34 24.04
CA LYS B 153 -0.67 -3.41 24.14
C LYS B 153 -0.68 -4.28 22.89
N LEU B 154 -0.42 -3.67 21.74
CA LEU B 154 -0.42 -4.43 20.50
C LEU B 154 0.86 -5.29 20.35
N LEU B 155 2.00 -4.75 20.77
CA LEU B 155 3.26 -5.51 20.76
C LEU B 155 3.19 -6.77 21.63
N HIS B 156 2.64 -6.59 22.84
CA HIS B 156 2.56 -7.63 23.87
C HIS B 156 1.63 -8.75 23.44
N GLN B 162 3.49 -4.42 14.33
CA GLN B 162 2.16 -4.62 13.76
C GLN B 162 1.36 -3.32 13.76
N ALA B 163 0.53 -3.15 12.74
CA ALA B 163 -0.04 -1.85 12.39
C ALA B 163 -1.56 -1.80 12.53
N LEU B 164 -2.12 -0.59 12.59
CA LEU B 164 -3.57 -0.41 12.64
C LEU B 164 -4.15 -0.62 11.24
N ASP B 165 -5.34 -1.20 11.13
CA ASP B 165 -5.94 -1.39 9.82
C ASP B 165 -6.72 -0.16 9.34
N MET B 166 -7.43 0.48 10.27
CA MET B 166 -8.24 1.64 9.92
C MET B 166 -8.29 2.63 11.07
N VAL B 167 -8.16 3.90 10.72
CA VAL B 167 -8.19 4.98 11.68
C VAL B 167 -9.26 5.97 11.26
N PHE B 168 -10.18 6.26 12.17
CA PHE B 168 -11.21 7.29 11.96
C PHE B 168 -10.84 8.51 12.79
N ILE B 169 -10.67 9.64 12.14
CA ILE B 169 -10.15 10.81 12.85
C ILE B 169 -11.21 11.89 12.87
N ASP B 170 -11.73 12.21 14.06
CA ASP B 170 -12.71 13.28 14.14
C ASP B 170 -12.73 13.91 15.53
N HIS B 171 -11.55 14.23 16.04
CA HIS B 171 -11.45 14.98 17.29
C HIS B 171 -11.07 16.43 16.91
N TRP B 172 -10.21 17.08 17.68
CA TRP B 172 -9.91 18.49 17.39
C TRP B 172 -9.00 18.62 16.17
N LYS B 173 -9.45 19.42 15.19
CA LYS B 173 -8.78 19.57 13.90
C LYS B 173 -7.29 19.88 14.01
N ASP B 174 -6.88 20.61 15.05
CA ASP B 174 -5.49 21.03 15.16
C ASP B 174 -4.61 19.92 15.69
N LEU B 175 -5.21 18.81 16.12
CA LEU B 175 -4.44 17.68 16.59
C LEU B 175 -4.40 16.57 15.52
N TYR B 176 -5.02 16.83 14.38
CA TYR B 176 -5.02 15.88 13.26
C TYR B 176 -3.61 15.46 12.82
N VAL B 177 -2.82 16.44 12.41
CA VAL B 177 -1.47 16.16 11.96
C VAL B 177 -0.58 15.72 13.12
N PRO B 178 -0.59 16.46 14.26
CA PRO B 178 0.24 15.98 15.38
C PRO B 178 -0.04 14.54 15.81
N ASP B 179 -1.30 14.13 15.80
CA ASP B 179 -1.62 12.77 16.21
C ASP B 179 -1.35 11.75 15.10
N LEU B 180 -1.59 12.11 13.84
CA LEU B 180 -1.21 11.23 12.75
C LEU B 180 0.31 10.94 12.83
N ARG B 181 1.09 11.97 13.11
CA ARG B 181 2.54 11.82 13.13
C ARG B 181 2.94 10.89 14.28
N VAL B 182 2.15 10.93 15.36
CA VAL B 182 2.36 9.99 16.44
C VAL B 182 2.13 8.58 15.89
N ILE B 183 1.03 8.38 15.18
CA ILE B 183 0.74 7.03 14.67
C ILE B 183 1.88 6.60 13.74
N GLU B 184 2.27 7.49 12.84
CA GLU B 184 3.43 7.25 11.97
C GLU B 184 4.71 6.90 12.76
N SER B 185 5.10 7.74 13.72
CA SER B 185 6.32 7.49 14.51
C SER B 185 6.32 6.14 15.22
N LEU B 186 5.14 5.72 15.67
CA LEU B 186 5.01 4.47 16.41
C LEU B 186 4.97 3.24 15.50
N ASN B 187 5.17 3.47 14.20
CA ASN B 187 5.06 2.42 13.18
C ASN B 187 3.67 1.76 13.14
N MET B 188 2.62 2.51 13.36
CA MET B 188 1.29 1.91 13.34
C MET B 188 0.55 2.18 12.03
N ILE B 189 1.24 2.82 11.09
CA ILE B 189 0.78 2.96 9.71
C ILE B 189 1.62 2.04 8.81
N ALA B 190 0.98 1.17 8.03
CA ALA B 190 1.67 0.27 7.11
C ALA B 190 0.85 0.15 5.83
N PRO B 191 1.42 -0.45 4.76
CA PRO B 191 0.59 -0.63 3.56
C PRO B 191 -0.68 -1.37 3.89
N GLY B 192 -1.82 -0.85 3.44
CA GLY B 192 -3.10 -1.40 3.78
C GLY B 192 -3.83 -0.60 4.85
N THR B 193 -3.10 0.21 5.62
CA THR B 193 -3.75 1.04 6.62
C THR B 193 -4.57 2.10 5.93
N LEU B 194 -5.82 2.27 6.38
CA LEU B 194 -6.71 3.27 5.84
C LEU B 194 -7.06 4.35 6.86
N LEU B 195 -6.86 5.60 6.48
CA LEU B 195 -7.23 6.74 7.31
C LEU B 195 -8.45 7.42 6.76
N VAL B 196 -9.43 7.63 7.65
CA VAL B 196 -10.66 8.34 7.32
C VAL B 196 -10.74 9.54 8.23
N ALA B 197 -10.55 10.73 7.65
CA ALA B 197 -10.51 11.96 8.41
C ALA B 197 -11.73 12.83 8.10
N ASP B 198 -12.47 13.18 9.14
CA ASP B 198 -13.73 13.90 9.01
C ASP B 198 -13.60 15.42 8.99
N ASN B 199 -14.65 16.09 8.50
CA ASN B 199 -14.76 17.55 8.52
C ASN B 199 -13.59 18.25 7.85
N ILE B 200 -13.26 17.82 6.64
CA ILE B 200 -12.17 18.41 5.85
C ILE B 200 -12.57 19.79 5.35
N ILE B 201 -13.85 20.00 5.09
CA ILE B 201 -14.34 21.28 4.62
C ILE B 201 -14.85 22.15 5.76
N THR B 202 -15.66 21.56 6.63
CA THR B 202 -16.35 22.32 7.68
C THR B 202 -16.15 21.73 9.07
N PRO B 203 -15.50 22.48 9.98
CA PRO B 203 -14.89 23.81 9.84
C PRO B 203 -13.59 23.75 9.05
N GLY B 204 -13.18 22.53 8.74
CA GLY B 204 -12.08 22.30 7.81
C GLY B 204 -10.79 21.93 8.51
N ALA B 205 -9.96 21.15 7.83
CA ALA B 205 -8.68 20.73 8.40
C ALA B 205 -7.63 20.78 7.29
N PRO B 206 -7.31 21.99 6.81
CA PRO B 206 -6.44 22.23 5.67
C PRO B 206 -5.01 21.68 5.88
N GLU B 207 -4.50 21.82 7.09
CA GLU B 207 -3.14 21.35 7.39
C GLU B 207 -3.03 19.84 7.13
N TYR B 208 -3.99 19.09 7.66
CA TYR B 208 -4.05 17.66 7.47
C TYR B 208 -4.25 17.30 6.00
N HIS B 209 -5.15 18.04 5.34
CA HIS B 209 -5.43 17.81 3.93
C HIS B 209 -4.17 17.97 3.08
N LYS B 210 -3.38 18.98 3.42
CA LYS B 210 -2.12 19.21 2.74
C LYS B 210 -1.15 18.08 3.05
N TYR B 211 -1.11 17.68 4.32
CA TYR B 211 -0.13 16.71 4.79
C TYR B 211 -0.29 15.38 4.08
N VAL B 212 -1.53 14.87 4.04
CA VAL B 212 -1.73 13.54 3.46
C VAL B 212 -1.69 13.60 1.93
N ASN B 213 -1.65 14.80 1.36
CA ASN B 213 -1.52 14.91 -0.09
C ASN B 213 -0.07 15.19 -0.49
N MET B 214 0.82 15.28 0.50
CA MET B 214 2.24 15.52 0.25
C MET B 214 2.97 14.26 -0.15
N SER B 215 3.97 14.41 -1.01
CA SER B 215 4.88 13.33 -1.36
C SER B 215 5.66 12.88 -0.14
N PRO B 216 6.29 11.70 -0.22
CA PRO B 216 7.18 11.31 0.89
C PRO B 216 8.33 12.30 1.13
N GLU B 217 8.83 12.92 0.06
CA GLU B 217 9.93 13.88 0.22
C GLU B 217 9.43 15.17 0.85
N GLU B 218 8.27 15.65 0.39
CA GLU B 218 7.67 16.84 0.97
C GLU B 218 7.31 16.69 2.44
N ARG B 219 6.92 15.47 2.84
CA ARG B 219 6.61 15.19 4.24
C ARG B 219 7.91 15.04 5.04
N ARG B 220 8.99 14.65 4.37
CA ARG B 220 10.29 14.58 5.03
C ARG B 220 10.71 15.97 5.50
N GLY B 221 10.47 16.98 4.66
CA GLY B 221 10.91 18.32 4.99
C GLY B 221 9.98 19.01 5.97
N TYR B 222 8.68 18.79 5.78
CA TYR B 222 7.68 19.27 6.71
C TYR B 222 7.98 18.77 8.12
N GLN B 223 8.27 17.48 8.23
CA GLN B 223 8.50 16.88 9.53
C GLN B 223 9.73 17.48 10.20
N ALA B 224 10.74 17.82 9.39
CA ALA B 224 11.98 18.38 9.92
C ALA B 224 11.82 19.84 10.40
N LYS B 225 10.99 20.63 9.74
CA LYS B 225 10.80 22.01 10.15
C LYS B 225 9.67 22.19 11.17
N VAL B 226 8.57 21.45 11.02
CA VAL B 226 7.43 21.59 11.93
C VAL B 226 7.56 20.72 13.17
N ARG B 227 7.84 21.33 14.32
CA ARG B 227 7.89 20.60 15.58
C ARG B 227 6.51 20.00 15.90
N ASN B 228 6.51 18.76 16.37
CA ASN B 228 5.26 18.17 16.81
C ASN B 228 4.94 18.61 18.24
N VAL B 229 3.83 19.33 18.43
CA VAL B 229 3.38 19.74 19.76
C VAL B 229 3.24 18.53 20.70
N ASN B 230 3.11 17.32 20.17
CA ASN B 230 3.01 16.16 21.05
C ASN B 230 4.38 15.75 21.60
N GLY B 231 5.46 16.22 20.98
CA GLY B 231 6.80 15.86 21.42
C GLY B 231 7.85 15.72 20.32
N PHE B 232 9.10 16.00 20.64
CA PHE B 232 10.19 15.86 19.66
C PHE B 232 10.29 14.42 19.16
N ASP B 233 9.92 13.48 20.01
CA ASP B 233 10.08 12.09 19.65
C ASP B 233 9.00 11.60 18.69
N PHE B 234 8.01 12.44 18.41
CA PHE B 234 6.96 12.11 17.44
C PHE B 234 7.10 12.88 16.13
N ILE B 235 8.25 12.79 15.48
CA ILE B 235 8.51 13.58 14.30
C ILE B 235 7.64 13.07 13.15
N GLY B 236 7.32 11.79 13.17
CA GLY B 236 6.60 11.13 12.09
C GLY B 236 7.49 10.16 11.32
N ARG B 237 6.97 9.63 10.23
CA ARG B 237 7.71 8.72 9.37
C ARG B 237 7.41 9.17 7.97
N TRP B 238 8.41 9.70 7.29
CA TRP B 238 8.17 10.28 5.99
C TRP B 238 8.12 9.21 4.89
N ASP B 239 8.71 8.05 5.14
CA ASP B 239 8.89 7.05 4.07
C ASP B 239 7.63 6.20 3.77
N LEU B 240 6.47 6.84 3.89
CA LEU B 240 5.20 6.19 3.65
C LEU B 240 4.57 6.74 2.36
N ILE B 241 4.09 5.86 1.48
CA ILE B 241 3.37 6.29 0.29
C ILE B 241 1.87 6.33 0.55
N TYR B 242 1.29 7.51 0.39
CA TYR B 242 -0.13 7.72 0.64
C TYR B 242 -0.84 7.98 -0.66
N LYS B 243 -2.08 7.52 -0.72
CA LYS B 243 -3.01 7.78 -1.80
C LYS B 243 -4.30 8.27 -1.15
N THR B 244 -4.74 9.46 -1.56
CA THR B 244 -5.84 10.15 -0.89
C THR B 244 -6.91 10.64 -1.87
N GLU B 245 -8.15 10.47 -1.48
CA GLU B 245 -9.29 10.94 -2.23
C GLU B 245 -10.19 11.67 -1.24
N THR B 246 -10.78 12.76 -1.69
CA THR B 246 -11.72 13.48 -0.87
C THR B 246 -13.12 13.09 -1.29
N LYS B 247 -13.94 12.65 -0.34
CA LYS B 247 -15.34 12.36 -0.62
C LYS B 247 -16.24 13.44 -0.02
N GLU B 248 -17.17 13.93 -0.83
CA GLU B 248 -18.05 15.01 -0.37
C GLU B 248 -19.47 14.49 -0.15
N PHE B 249 -20.18 15.11 0.78
CA PHE B 249 -21.55 14.68 1.11
C PHE B 249 -22.53 15.84 1.08
N ASP B 260 -19.23 19.58 3.81
CA ASP B 260 -19.14 18.23 4.36
C ASP B 260 -18.26 17.31 3.51
N ALA B 261 -17.03 17.07 3.96
CA ALA B 261 -16.13 16.18 3.24
C ALA B 261 -15.29 15.33 4.17
N VAL B 262 -14.98 14.12 3.72
CA VAL B 262 -14.09 13.23 4.42
C VAL B 262 -12.87 12.90 3.53
N ASP B 263 -11.68 12.91 4.11
CA ASP B 263 -10.48 12.47 3.39
C ASP B 263 -10.21 10.99 3.63
N VAL B 264 -10.04 10.24 2.54
CA VAL B 264 -9.78 8.83 2.65
C VAL B 264 -8.37 8.57 2.13
N THR B 265 -7.48 8.24 3.07
CA THR B 265 -6.07 8.13 2.80
C THR B 265 -5.62 6.71 3.04
N GLU B 266 -5.05 6.10 2.00
CA GLU B 266 -4.50 4.75 2.15
C GLU B 266 -2.99 4.77 2.03
N CYS B 267 -2.32 4.09 2.96
CA CYS B 267 -0.90 3.84 2.81
C CYS B 267 -0.73 2.66 1.87
N VAL B 268 -0.04 2.89 0.75
CA VAL B 268 0.02 1.85 -0.27
C VAL B 268 1.40 1.21 -0.42
N GLY B 269 2.37 1.69 0.33
CA GLY B 269 3.71 1.11 0.30
C GLY B 269 4.72 1.96 1.05
N TYR B 270 5.96 1.48 1.14
CA TYR B 270 7.04 2.29 1.73
C TYR B 270 7.85 2.98 0.63
N ALA B 271 8.29 4.21 0.88
CA ALA B 271 9.10 4.94 -0.12
C ALA B 271 10.55 4.44 -0.15
#